data_7ZYX
#
_entry.id   7ZYX
#
_entity_poly.entity_id   1
_entity_poly.type   'polydeoxyribonucleotide'
_entity_poly.pdbx_seq_one_letter_code
;(DT)(CFL)(CFL)(CFL)(CFL)(CFL)
;
_entity_poly.pdbx_strand_id   A,B
#